data_6LSG
#
_entry.id   6LSG
#
_cell.length_a   63.564
_cell.length_b   77.220
_cell.length_c   154.164
_cell.angle_alpha   90.000
_cell.angle_beta   90.000
_cell.angle_gamma   90.000
#
_symmetry.space_group_name_H-M   'P 21 21 21'
#
loop_
_entity.id
_entity.type
_entity.pdbx_description
1 polymer 'Genome polyprotein'
2 polymer 'RNA (35-MER)'
3 polymer "RNA (5'-R(*UP*GP*UP*UP*CP*GP*AP*CP*GP*AP*GP*AP*GP*AP*GP*A)-3')"
4 non-polymer 'SULFATE ION'
5 non-polymer 'ZINC ION'
6 water water
#
loop_
_entity_poly.entity_id
_entity_poly.type
_entity_poly.pdbx_seq_one_letter_code
_entity_poly.pdbx_strand_id
1 'polypeptide(L)'
;GEIQWVKPNKETGRLNINGPTRTKLEPSVFHDVFEGNKEPAVLHSKDPRLEVDFEQALFSKYVGNTLYEPDEYIKEAALH
YANQLKQLDIDTSQMSMEEACYGTENLEAIDLHSTAGYPYSALGIKKRDILDSTTRDVSKMKFYMDKYGLDLPYSTYVKD
ELRSIDKIKKGKSRLIEASSLNDSVYLRMTFGHLYETFHANPGTVTGSAVGCNPDTFWSKLPILLPGSLFAFDYSGYDAS
LSPVWFRALELVLREIGYSEEAVSLVEGINHTHHVYRNKTYCVLGGMPSGMSGTSIFNSMINNIIIRALLIKTFKGIDLD
ELNMVAYGDDVLASYPFPIDCLELARTGKEYGLTMTPADKSPCFNEVNWDNATFLKRGFLPDEQFPFLIHPTMPMKEIHE
SIRWTKDARNTQDHVRSLCLLAWHNGKQEYEKFVSAIRSVPVGKALAIPNYENLRRNWLELFHHHHHH
;
A
2 'polyribonucleotide' GGGAGAUGAAAGUCUCCAGGUCUCUCUCGUCGAAA B
3 'polyribonucleotide' UGUUCGACGAGAGAGA C
#
loop_
_chem_comp.id
_chem_comp.type
_chem_comp.name
_chem_comp.formula
A RNA linking ADENOSINE-5'-MONOPHOSPHATE 'C10 H14 N5 O7 P'
C RNA linking CYTIDINE-5'-MONOPHOSPHATE 'C9 H14 N3 O8 P'
G RNA linking GUANOSINE-5'-MONOPHOSPHATE 'C10 H14 N5 O8 P'
SO4 non-polymer 'SULFATE ION' 'O4 S -2'
U RNA linking URIDINE-5'-MONOPHOSPHATE 'C9 H13 N2 O9 P'
ZN non-polymer 'ZINC ION' 'Zn 2'
#
# COMPACT_ATOMS: atom_id res chain seq x y z
N GLY A 1 -8.95 -1.89 14.34
CA GLY A 1 -10.20 -1.39 13.78
C GLY A 1 -11.38 -2.28 14.15
N GLU A 2 -12.55 -1.68 14.31
CA GLU A 2 -13.72 -2.45 14.72
C GLU A 2 -14.96 -1.82 14.13
N ILE A 3 -15.82 -2.65 13.53
CA ILE A 3 -17.09 -2.14 13.05
C ILE A 3 -17.97 -1.81 14.25
N GLN A 4 -18.52 -0.60 14.27
CA GLN A 4 -19.35 -0.15 15.38
C GLN A 4 -20.83 -0.47 15.16
N TRP A 5 -21.30 -0.36 13.92
CA TRP A 5 -22.68 -0.68 13.60
C TRP A 5 -22.80 -0.86 12.09
N VAL A 6 -23.88 -1.53 11.70
CA VAL A 6 -24.28 -1.73 10.31
C VAL A 6 -25.76 -1.39 10.23
N LYS A 7 -26.13 -0.57 9.26
CA LYS A 7 -27.53 -0.17 9.09
C LYS A 7 -27.93 -0.29 7.64
N PRO A 8 -29.20 -0.59 7.38
CA PRO A 8 -29.69 -0.55 5.99
C PRO A 8 -29.61 0.87 5.47
N ASN A 9 -29.38 0.99 4.14
CA ASN A 9 -29.31 2.31 3.53
C ASN A 9 -30.64 3.04 3.60
N LYS A 10 -31.76 2.30 3.67
CA LYS A 10 -33.05 2.90 3.96
C LYS A 10 -33.00 3.73 5.25
N GLU A 11 -32.32 3.22 6.28
CA GLU A 11 -32.24 3.89 7.57
C GLU A 11 -31.24 5.06 7.58
N THR A 12 -30.15 4.97 6.82
CA THR A 12 -29.17 6.06 6.79
C THR A 12 -29.40 7.05 5.66
N GLY A 13 -30.20 6.70 4.67
CA GLY A 13 -30.40 7.59 3.52
C GLY A 13 -29.26 7.62 2.52
N ARG A 14 -28.31 6.69 2.61
CA ARG A 14 -27.16 6.67 1.69
C ARG A 14 -27.51 5.96 0.38
N LEU A 15 -26.95 6.46 -0.71
CA LEU A 15 -27.12 5.80 -2.01
C LEU A 15 -26.42 4.44 -2.01
N ASN A 16 -26.99 3.49 -2.75
CA ASN A 16 -26.36 2.20 -2.90
C ASN A 16 -25.07 2.30 -3.73
N ILE A 17 -24.10 1.47 -3.39
CA ILE A 17 -22.78 1.43 -4.05
C ILE A 17 -22.54 -0.01 -4.47
N ASN A 18 -22.58 -0.28 -5.76
CA ASN A 18 -22.40 -1.63 -6.26
C ASN A 18 -21.22 -1.68 -7.21
N GLY A 19 -20.40 -2.72 -7.07
CA GLY A 19 -19.29 -2.94 -7.95
C GLY A 19 -19.47 -4.24 -8.70
N PRO A 20 -18.61 -4.51 -9.68
CA PRO A 20 -18.74 -5.74 -10.47
C PRO A 20 -18.73 -6.99 -9.60
N THR A 21 -19.48 -8.00 -10.03
CA THR A 21 -19.52 -9.28 -9.34
C THR A 21 -19.04 -10.45 -10.21
N ARG A 22 -18.56 -10.17 -11.42
CA ARG A 22 -17.95 -11.16 -12.29
C ARG A 22 -16.52 -10.71 -12.57
N THR A 23 -15.58 -11.64 -12.46
CA THR A 23 -14.18 -11.33 -12.71
C THR A 23 -13.94 -11.04 -14.19
N LYS A 24 -13.02 -10.10 -14.46
CA LYS A 24 -12.52 -9.90 -15.80
C LYS A 24 -11.38 -10.86 -16.15
N LEU A 25 -10.90 -11.63 -15.17
CA LEU A 25 -9.75 -12.50 -15.38
C LEU A 25 -10.15 -13.79 -16.08
N GLU A 26 -9.44 -14.12 -17.16
CA GLU A 26 -9.63 -15.37 -17.89
C GLU A 26 -8.29 -16.04 -18.14
N PRO A 27 -8.27 -17.36 -18.27
CA PRO A 27 -7.01 -18.05 -18.60
C PRO A 27 -6.41 -17.51 -19.89
N SER A 28 -5.09 -17.32 -19.88
CA SER A 28 -4.40 -16.78 -21.02
C SER A 28 -3.86 -17.91 -21.89
N VAL A 29 -3.27 -17.56 -23.04
CA VAL A 29 -2.66 -18.58 -23.89
C VAL A 29 -1.43 -19.20 -23.25
N PHE A 30 -0.94 -18.66 -22.14
CA PHE A 30 0.17 -19.27 -21.42
C PHE A 30 -0.29 -20.08 -20.22
N HIS A 31 -1.60 -20.24 -20.04
CA HIS A 31 -2.14 -20.86 -18.84
C HIS A 31 -1.58 -22.25 -18.61
N ASP A 32 -1.26 -22.98 -19.68
CA ASP A 32 -0.75 -24.33 -19.55
C ASP A 32 0.74 -24.43 -19.81
N VAL A 33 1.39 -23.32 -20.20
CA VAL A 33 2.83 -23.33 -20.37
C VAL A 33 3.52 -23.26 -19.02
N PHE A 34 2.92 -22.58 -18.05
CA PHE A 34 3.52 -22.36 -16.74
C PHE A 34 2.64 -22.93 -15.65
N GLU A 35 3.26 -23.30 -14.55
CA GLU A 35 2.51 -23.76 -13.39
C GLU A 35 2.08 -22.58 -12.53
N GLY A 36 0.93 -22.75 -11.86
CA GLY A 36 0.45 -21.79 -10.89
C GLY A 36 -0.83 -22.33 -10.26
N ASN A 37 -1.14 -21.82 -9.06
CA ASN A 37 -2.32 -22.24 -8.32
C ASN A 37 -3.39 -21.16 -8.15
N LYS A 38 -3.04 -19.89 -8.35
CA LYS A 38 -3.97 -18.80 -8.04
C LYS A 38 -5.14 -18.79 -9.02
N GLU A 39 -6.26 -18.22 -8.57
CA GLU A 39 -7.46 -18.05 -9.39
C GLU A 39 -8.09 -16.71 -9.04
N PRO A 40 -9.04 -16.20 -9.82
CA PRO A 40 -9.67 -14.92 -9.47
C PRO A 40 -10.33 -14.96 -8.11
N ALA A 41 -10.18 -13.87 -7.37
CA ALA A 41 -10.75 -13.75 -6.04
C ALA A 41 -12.27 -13.84 -6.10
N VAL A 42 -12.87 -14.36 -5.01
CA VAL A 42 -14.33 -14.35 -4.90
C VAL A 42 -14.85 -12.92 -4.92
N LEU A 43 -15.80 -12.66 -5.81
CA LEU A 43 -16.43 -11.35 -5.90
C LEU A 43 -17.90 -11.34 -5.48
N HIS A 44 -18.51 -12.50 -5.23
CA HIS A 44 -19.96 -12.60 -5.01
C HIS A 44 -20.26 -13.63 -3.94
N SER A 45 -21.26 -13.34 -3.09
CA SER A 45 -21.59 -14.23 -1.99
C SER A 45 -22.00 -15.62 -2.46
N LYS A 46 -22.41 -15.77 -3.72
CA LYS A 46 -22.86 -17.06 -4.24
C LYS A 46 -21.78 -17.80 -5.03
N ASP A 47 -20.54 -17.31 -5.02
CA ASP A 47 -19.44 -18.02 -5.67
C ASP A 47 -19.39 -19.47 -5.20
N PRO A 48 -19.42 -20.45 -6.12
CA PRO A 48 -19.48 -21.86 -5.71
C PRO A 48 -18.24 -22.34 -4.98
N ARG A 49 -17.11 -21.65 -5.14
CA ARG A 49 -15.88 -22.12 -4.52
C ARG A 49 -15.79 -21.77 -3.04
N LEU A 50 -16.66 -20.88 -2.56
CA LEU A 50 -16.62 -20.48 -1.15
C LEU A 50 -16.86 -21.67 -0.23
N GLU A 51 -16.15 -21.68 0.90
CA GLU A 51 -16.44 -22.65 1.95
C GLU A 51 -16.79 -21.95 3.27
N VAL A 52 -17.10 -20.65 3.22
CA VAL A 52 -17.50 -19.86 4.38
C VAL A 52 -18.50 -18.82 3.91
N ASP A 53 -19.11 -18.12 4.87
CA ASP A 53 -19.96 -16.99 4.52
C ASP A 53 -19.09 -15.84 4.04
N PHE A 54 -19.39 -15.34 2.83
CA PHE A 54 -18.50 -14.39 2.16
C PHE A 54 -18.39 -13.09 2.95
N GLU A 55 -19.53 -12.47 3.27
CA GLU A 55 -19.47 -11.15 3.88
C GLU A 55 -18.83 -11.20 5.26
N GLN A 56 -18.98 -12.31 5.97
CA GLN A 56 -18.27 -12.45 7.24
C GLN A 56 -16.77 -12.58 7.01
N ALA A 57 -16.37 -13.30 5.96
CA ALA A 57 -14.94 -13.35 5.62
C ALA A 57 -14.43 -11.97 5.26
N LEU A 58 -15.19 -11.22 4.45
CA LEU A 58 -14.75 -9.89 4.02
C LEU A 58 -14.41 -8.99 5.20
N PHE A 59 -15.22 -9.03 6.26
CA PHE A 59 -15.09 -8.04 7.30
C PHE A 59 -14.44 -8.57 8.56
N SER A 60 -13.99 -9.83 8.55
CA SER A 60 -13.25 -10.37 9.68
C SER A 60 -11.92 -9.65 9.92
N LYS A 61 -11.40 -8.92 8.91
CA LYS A 61 -10.15 -8.19 9.08
C LYS A 61 -10.24 -7.18 10.22
N TYR A 62 -11.44 -6.70 10.56
CA TYR A 62 -11.59 -5.78 11.67
C TYR A 62 -11.54 -6.57 12.96
N VAL A 63 -10.32 -6.79 13.48
CA VAL A 63 -10.15 -7.68 14.61
C VAL A 63 -10.45 -7.02 15.95
N GLY A 64 -10.76 -5.72 15.95
CA GLY A 64 -11.00 -4.99 17.18
C GLY A 64 -9.94 -3.93 17.44
N ASN A 65 -10.12 -3.27 18.57
CA ASN A 65 -9.24 -2.21 19.02
C ASN A 65 -8.72 -2.59 20.40
N THR A 66 -7.47 -2.25 20.68
CA THR A 66 -7.01 -2.42 22.05
C THR A 66 -6.79 -1.04 22.66
N LEU A 67 -5.64 -0.43 22.44
CA LEU A 67 -5.36 0.84 23.07
C LEU A 67 -6.04 1.99 22.32
N TYR A 68 -6.47 2.99 23.06
CA TYR A 68 -7.09 4.17 22.47
C TYR A 68 -6.27 5.43 22.64
N GLU A 69 -5.46 5.53 23.70
CA GLU A 69 -4.64 6.66 24.11
C GLU A 69 -3.18 6.28 24.15
N PRO A 70 -2.29 7.13 23.65
CA PRO A 70 -0.85 6.82 23.68
C PRO A 70 -0.35 6.59 25.09
N ASP A 71 0.50 5.58 25.24
CA ASP A 71 1.22 5.38 26.49
C ASP A 71 2.56 6.11 26.38
N GLU A 72 3.43 5.93 27.37
CA GLU A 72 4.69 6.66 27.36
C GLU A 72 5.57 6.23 26.17
N TYR A 73 5.52 4.96 25.80
CA TYR A 73 6.38 4.48 24.72
C TYR A 73 5.93 5.03 23.37
N ILE A 74 4.62 5.02 23.12
CA ILE A 74 4.12 5.54 21.85
C ILE A 74 4.38 7.04 21.74
N LYS A 75 4.26 7.77 22.85
CA LYS A 75 4.56 9.20 22.86
C LYS A 75 6.02 9.47 22.51
N GLU A 76 6.95 8.76 23.17
CA GLU A 76 8.36 8.96 22.87
C GLU A 76 8.69 8.55 21.44
N ALA A 77 8.08 7.47 20.97
CA ALA A 77 8.26 7.04 19.58
C ALA A 77 7.80 8.12 18.61
N ALA A 78 6.59 8.65 18.82
CA ALA A 78 6.05 9.69 17.95
C ALA A 78 6.93 10.93 17.94
N LEU A 79 7.39 11.37 19.11
CA LEU A 79 8.25 12.56 19.18
C LEU A 79 9.59 12.33 18.48
N HIS A 80 10.17 11.15 18.65
CA HIS A 80 11.44 10.84 17.98
C HIS A 80 11.27 10.86 16.46
N TYR A 81 10.20 10.26 15.95
CA TYR A 81 9.98 10.25 14.51
C TYR A 81 9.72 11.67 14.01
N ALA A 82 8.96 12.45 14.77
CA ALA A 82 8.64 13.80 14.34
C ALA A 82 9.89 14.69 14.34
N ASN A 83 10.73 14.56 15.37
CA ASN A 83 11.99 15.30 15.37
C ASN A 83 12.81 14.98 14.13
N GLN A 84 12.84 13.71 13.73
CA GLN A 84 13.56 13.28 12.53
C GLN A 84 12.99 13.95 11.29
N LEU A 85 11.67 14.09 11.21
CA LEU A 85 11.04 14.70 10.04
C LEU A 85 11.34 16.18 9.94
N LYS A 86 11.77 16.82 11.04
CA LYS A 86 11.94 18.26 11.04
C LYS A 86 13.01 18.68 10.03
N GLN A 87 14.08 17.90 9.90
CA GLN A 87 15.14 18.23 8.95
C GLN A 87 14.64 18.36 7.52
N LEU A 88 13.49 17.77 7.19
CA LEU A 88 12.96 17.86 5.84
C LEU A 88 12.30 19.19 5.54
N ASP A 89 11.99 19.99 6.56
CA ASP A 89 11.40 21.32 6.37
C ASP A 89 10.10 21.26 5.56
N ILE A 90 9.19 20.40 6.01
CA ILE A 90 7.92 20.22 5.29
C ILE A 90 7.10 21.50 5.37
N ASP A 91 6.50 21.88 4.24
CA ASP A 91 5.62 23.04 4.18
C ASP A 91 4.27 22.65 4.76
N THR A 92 3.99 23.10 5.99
CA THR A 92 2.73 22.81 6.68
C THR A 92 1.59 23.70 6.23
N SER A 93 1.82 24.64 5.32
CA SER A 93 0.75 25.48 4.83
C SER A 93 -0.13 24.70 3.87
N GLN A 94 -1.35 25.18 3.72
CA GLN A 94 -2.32 24.50 2.87
C GLN A 94 -1.93 24.64 1.40
N MET A 95 -1.99 23.53 0.69
CA MET A 95 -1.78 23.54 -0.75
C MET A 95 -3.01 24.08 -1.45
N SER A 96 -2.80 24.83 -2.53
CA SER A 96 -3.92 25.40 -3.27
C SER A 96 -4.78 24.30 -3.85
N MET A 97 -6.08 24.59 -4.01
CA MET A 97 -6.98 23.63 -4.63
C MET A 97 -6.55 23.30 -6.05
N GLU A 98 -5.92 24.25 -6.74
CA GLU A 98 -5.52 24.03 -8.13
C GLU A 98 -4.33 23.07 -8.21
N GLU A 99 -3.32 23.27 -7.36
CA GLU A 99 -2.24 22.29 -7.26
C GLU A 99 -2.78 20.94 -6.79
N ALA A 100 -3.68 20.94 -5.80
CA ALA A 100 -4.19 19.70 -5.25
C ALA A 100 -4.94 18.88 -6.28
N CYS A 101 -5.64 19.54 -7.20
CA CYS A 101 -6.40 18.82 -8.23
C CYS A 101 -5.56 18.43 -9.44
N TYR A 102 -4.68 19.32 -9.88
CA TYR A 102 -4.03 19.19 -11.18
C TYR A 102 -2.54 18.92 -11.10
N GLY A 103 -1.98 18.85 -9.89
CA GLY A 103 -0.69 18.23 -9.72
C GLY A 103 0.45 19.23 -9.70
N THR A 104 1.57 18.78 -9.13
CA THR A 104 2.82 19.52 -9.11
C THR A 104 3.92 18.58 -9.58
N GLU A 105 5.17 18.99 -9.40
CA GLU A 105 6.30 18.15 -9.81
C GLU A 105 6.34 16.85 -9.02
N ASN A 106 6.07 16.91 -7.71
CA ASN A 106 6.16 15.73 -6.86
C ASN A 106 4.81 15.24 -6.37
N LEU A 107 3.71 15.68 -7.00
CA LEU A 107 2.38 15.16 -6.66
C LEU A 107 1.60 15.01 -7.95
N GLU A 108 1.32 13.77 -8.34
CA GLU A 108 0.55 13.52 -9.54
C GLU A 108 -0.79 14.23 -9.47
N ALA A 109 -1.27 14.67 -10.64
CA ALA A 109 -2.62 15.19 -10.74
C ALA A 109 -3.63 14.12 -10.33
N ILE A 110 -4.78 14.57 -9.83
CA ILE A 110 -5.85 13.63 -9.52
C ILE A 110 -6.22 12.87 -10.77
N ASP A 111 -6.19 11.54 -10.67
CA ASP A 111 -6.49 10.65 -11.80
C ASP A 111 -7.95 10.82 -12.22
N LEU A 112 -8.18 11.13 -13.49
CA LEU A 112 -9.54 11.32 -13.98
C LEU A 112 -10.24 10.01 -14.33
N HIS A 113 -9.52 8.87 -14.34
CA HIS A 113 -10.14 7.57 -14.59
C HIS A 113 -10.49 6.79 -13.33
N SER A 114 -9.97 7.18 -12.17
CA SER A 114 -10.35 6.48 -10.94
C SER A 114 -11.62 7.12 -10.37
N THR A 115 -12.28 6.38 -9.47
CA THR A 115 -13.64 6.76 -9.07
C THR A 115 -13.66 8.14 -8.43
N ALA A 116 -14.76 8.87 -8.64
CA ALA A 116 -15.01 10.08 -7.88
C ALA A 116 -15.59 9.79 -6.50
N GLY A 117 -15.99 8.54 -6.24
CA GLY A 117 -16.51 8.13 -4.96
C GLY A 117 -17.90 8.67 -4.68
N TYR A 118 -18.32 8.48 -3.44
CA TYR A 118 -19.65 8.86 -3.01
C TYR A 118 -19.80 10.38 -3.00
N PRO A 119 -20.95 10.92 -3.46
CA PRO A 119 -22.09 10.23 -4.06
C PRO A 119 -22.01 10.23 -5.59
N TYR A 120 -20.97 10.88 -6.12
CA TYR A 120 -20.86 11.09 -7.56
C TYR A 120 -20.98 9.78 -8.34
N SER A 121 -20.35 8.71 -7.83
CA SER A 121 -20.45 7.41 -8.50
C SER A 121 -21.89 6.96 -8.63
N ALA A 122 -22.64 6.98 -7.52
CA ALA A 122 -24.02 6.49 -7.56
C ALA A 122 -24.90 7.36 -8.46
N LEU A 123 -24.64 8.67 -8.47
CA LEU A 123 -25.44 9.59 -9.27
C LEU A 123 -25.07 9.56 -10.75
N GLY A 124 -23.90 9.03 -11.11
CA GLY A 124 -23.47 9.01 -12.49
C GLY A 124 -22.62 10.18 -12.92
N ILE A 125 -22.05 10.93 -11.99
CA ILE A 125 -21.12 12.02 -12.31
C ILE A 125 -19.70 11.47 -12.26
N LYS A 126 -18.99 11.57 -13.38
CA LYS A 126 -17.59 11.18 -13.41
C LYS A 126 -16.70 12.39 -13.15
N LYS A 127 -15.41 12.14 -12.95
CA LYS A 127 -14.52 13.25 -12.64
C LYS A 127 -14.34 14.19 -13.83
N ARG A 128 -14.44 13.65 -15.06
CA ARG A 128 -14.28 14.49 -16.24
C ARG A 128 -15.33 15.59 -16.32
N ASP A 129 -16.43 15.46 -15.56
CA ASP A 129 -17.47 16.49 -15.52
C ASP A 129 -17.13 17.62 -14.54
N ILE A 130 -16.21 17.38 -13.62
CA ILE A 130 -15.84 18.34 -12.57
C ILE A 130 -14.48 18.97 -12.84
N LEU A 131 -13.51 18.15 -13.21
CA LEU A 131 -12.12 18.59 -13.39
C LEU A 131 -11.74 18.55 -14.86
N ASP A 132 -10.91 19.50 -15.27
CA ASP A 132 -10.46 19.62 -16.66
C ASP A 132 -8.97 19.91 -16.67
N SER A 133 -8.18 18.98 -17.23
CA SER A 133 -6.75 19.16 -17.36
C SER A 133 -6.41 20.47 -18.07
N THR A 134 -7.05 20.74 -19.20
CA THR A 134 -6.66 21.86 -20.05
C THR A 134 -6.91 23.20 -19.36
N THR A 135 -8.07 23.37 -18.74
CA THR A 135 -8.48 24.65 -18.18
C THR A 135 -8.02 24.87 -16.74
N ARG A 136 -7.61 23.80 -16.02
CA ARG A 136 -7.25 23.90 -14.60
C ARG A 136 -8.38 24.57 -13.81
N ASP A 137 -9.62 24.27 -14.19
CA ASP A 137 -10.78 24.85 -13.52
C ASP A 137 -10.95 24.26 -12.13
N VAL A 138 -11.08 25.13 -11.14
CA VAL A 138 -11.45 24.72 -9.79
C VAL A 138 -12.82 25.22 -9.39
N SER A 139 -13.54 25.91 -10.28
CA SER A 139 -14.82 26.50 -9.92
C SER A 139 -15.84 25.42 -9.57
N LYS A 140 -16.06 24.47 -10.47
CA LYS A 140 -17.01 23.39 -10.21
C LYS A 140 -16.62 22.58 -8.99
N MET A 141 -15.32 22.34 -8.81
CA MET A 141 -14.87 21.62 -7.62
C MET A 141 -15.29 22.36 -6.35
N LYS A 142 -15.07 23.68 -6.30
CA LYS A 142 -15.54 24.45 -5.15
C LYS A 142 -17.04 24.32 -4.96
N PHE A 143 -17.80 24.37 -6.06
CA PHE A 143 -19.25 24.18 -5.97
C PHE A 143 -19.58 22.84 -5.32
N TYR A 144 -19.00 21.75 -5.83
CA TYR A 144 -19.33 20.43 -5.30
C TYR A 144 -18.80 20.23 -3.89
N MET A 145 -17.67 20.86 -3.55
CA MET A 145 -17.22 20.87 -2.16
C MET A 145 -18.29 21.45 -1.25
N ASP A 146 -18.91 22.55 -1.68
CA ASP A 146 -19.96 23.16 -0.88
C ASP A 146 -21.26 22.35 -0.94
N LYS A 147 -21.58 21.83 -2.13
CA LYS A 147 -22.85 21.11 -2.30
C LYS A 147 -22.94 19.88 -1.41
N TYR A 148 -21.89 19.05 -1.41
CA TYR A 148 -21.92 17.78 -0.68
C TYR A 148 -21.04 17.77 0.55
N GLY A 149 -20.10 18.68 0.68
CA GLY A 149 -19.32 18.76 1.89
C GLY A 149 -18.31 17.63 2.02
N LEU A 150 -17.91 17.39 3.26
CA LEU A 150 -16.81 16.50 3.61
C LEU A 150 -17.30 15.43 4.58
N ASP A 151 -16.39 14.53 4.95
CA ASP A 151 -16.73 13.33 5.72
C ASP A 151 -17.82 12.52 5.02
N LEU A 152 -17.71 12.42 3.70
CA LEU A 152 -18.61 11.54 2.96
C LEU A 152 -18.19 10.09 3.15
N PRO A 153 -19.13 9.14 3.09
CA PRO A 153 -18.77 7.74 3.31
C PRO A 153 -17.75 7.25 2.27
N TYR A 154 -16.99 6.23 2.65
CA TYR A 154 -16.08 5.55 1.75
C TYR A 154 -16.84 4.47 0.98
N SER A 155 -16.68 4.44 -0.34
CA SER A 155 -17.34 3.42 -1.14
C SER A 155 -16.51 2.14 -1.16
N THR A 156 -17.15 1.02 -0.84
CA THR A 156 -16.47 -0.26 -0.67
C THR A 156 -16.68 -1.11 -1.92
N TYR A 157 -15.58 -1.51 -2.57
CA TYR A 157 -15.59 -2.44 -3.69
C TYR A 157 -14.70 -3.63 -3.36
N VAL A 158 -15.07 -4.82 -3.87
CA VAL A 158 -14.16 -5.96 -3.80
C VAL A 158 -13.17 -5.90 -4.96
N LYS A 159 -11.88 -6.17 -4.68
CA LYS A 159 -10.83 -6.05 -5.69
C LYS A 159 -10.76 -7.31 -6.57
N ASP A 160 -10.81 -7.12 -7.88
CA ASP A 160 -10.76 -8.22 -8.83
C ASP A 160 -9.31 -8.56 -9.13
N GLU A 161 -8.82 -9.69 -8.58
CA GLU A 161 -7.39 -10.00 -8.66
C GLU A 161 -7.22 -11.49 -8.38
N LEU A 162 -6.04 -12.00 -8.70
CA LEU A 162 -5.70 -13.37 -8.40
C LEU A 162 -5.47 -13.57 -6.90
N ARG A 163 -5.87 -14.73 -6.37
CA ARG A 163 -5.63 -15.08 -4.97
C ARG A 163 -5.31 -16.57 -4.88
N SER A 164 -4.65 -16.96 -3.80
CA SER A 164 -4.35 -18.37 -3.61
C SER A 164 -5.65 -19.14 -3.36
N ILE A 165 -5.58 -20.46 -3.56
CA ILE A 165 -6.78 -21.29 -3.41
C ILE A 165 -7.34 -21.16 -2.00
N ASP A 166 -6.45 -21.10 -0.99
CA ASP A 166 -6.89 -21.03 0.39
C ASP A 166 -7.72 -19.77 0.64
N LYS A 167 -7.28 -18.64 0.11
CA LYS A 167 -8.00 -17.38 0.30
C LYS A 167 -9.29 -17.33 -0.51
N ILE A 168 -9.43 -18.17 -1.52
CA ILE A 168 -10.70 -18.24 -2.25
C ILE A 168 -11.72 -19.04 -1.44
N LYS A 169 -11.29 -20.19 -0.90
CA LYS A 169 -12.19 -21.00 -0.10
C LYS A 169 -12.70 -20.25 1.12
N LYS A 170 -11.82 -19.49 1.77
CA LYS A 170 -12.17 -18.75 2.97
C LYS A 170 -12.64 -17.33 2.69
N GLY A 171 -12.99 -17.01 1.43
CA GLY A 171 -13.56 -15.73 1.09
C GLY A 171 -12.71 -14.51 1.42
N LYS A 172 -11.40 -14.65 1.51
CA LYS A 172 -10.55 -13.54 1.93
C LYS A 172 -10.13 -12.70 0.72
N SER A 173 -11.14 -12.08 0.12
CA SER A 173 -10.95 -11.08 -0.91
C SER A 173 -10.59 -9.75 -0.27
N ARG A 174 -9.97 -8.87 -1.05
CA ARG A 174 -9.49 -7.62 -0.52
C ARG A 174 -10.43 -6.50 -0.96
N LEU A 175 -10.57 -5.49 -0.10
CA LEU A 175 -11.54 -4.43 -0.35
C LEU A 175 -10.82 -3.12 -0.65
N ILE A 176 -11.41 -2.37 -1.57
CA ILE A 176 -11.02 -1.00 -1.84
C ILE A 176 -12.05 -0.11 -1.17
N GLU A 177 -11.58 0.82 -0.37
CA GLU A 177 -12.47 1.69 0.40
C GLU A 177 -12.18 3.10 -0.06
N ALA A 178 -12.85 3.50 -1.13
CA ALA A 178 -12.47 4.66 -1.93
C ALA A 178 -13.06 5.96 -1.38
N SER A 179 -12.19 6.92 -1.09
CA SER A 179 -12.67 8.18 -0.54
C SER A 179 -13.38 9.01 -1.61
N SER A 180 -14.37 9.79 -1.16
CA SER A 180 -15.02 10.74 -2.05
C SER A 180 -14.00 11.75 -2.59
N LEU A 181 -14.28 12.26 -3.79
CA LEU A 181 -13.42 13.29 -4.35
C LEU A 181 -13.28 14.49 -3.41
N ASN A 182 -14.36 14.83 -2.69
CA ASN A 182 -14.33 15.98 -1.80
C ASN A 182 -13.30 15.79 -0.68
N ASP A 183 -13.29 14.60 -0.07
CA ASP A 183 -12.32 14.32 0.99
C ASP A 183 -10.91 14.17 0.42
N SER A 184 -10.77 13.62 -0.79
CA SER A 184 -9.47 13.56 -1.45
C SER A 184 -8.91 14.96 -1.66
N VAL A 185 -9.72 15.84 -2.27
CA VAL A 185 -9.30 17.22 -2.49
C VAL A 185 -8.93 17.86 -1.17
N TYR A 186 -9.75 17.65 -0.15
CA TYR A 186 -9.51 18.28 1.15
C TYR A 186 -8.22 17.75 1.79
N LEU A 187 -7.96 16.45 1.66
CA LEU A 187 -6.74 15.90 2.23
C LEU A 187 -5.51 16.34 1.44
N ARG A 188 -5.65 16.47 0.11
CA ARG A 188 -4.53 16.90 -0.71
C ARG A 188 -4.22 18.38 -0.48
N MET A 189 -5.23 19.20 -0.18
CA MET A 189 -4.95 20.58 0.17
C MET A 189 -4.24 20.67 1.53
N THR A 190 -4.67 19.84 2.48
CA THR A 190 -4.10 19.92 3.82
C THR A 190 -2.68 19.38 3.85
N PHE A 191 -2.43 18.25 3.19
CA PHE A 191 -1.16 17.54 3.33
C PHE A 191 -0.40 17.40 2.01
N GLY A 192 -0.85 18.07 0.95
CA GLY A 192 -0.22 17.89 -0.37
C GLY A 192 1.28 18.16 -0.37
N HIS A 193 1.73 19.14 0.42
CA HIS A 193 3.16 19.46 0.45
C HIS A 193 3.95 18.38 1.18
N LEU A 194 3.36 17.77 2.21
CA LEU A 194 4.02 16.63 2.85
C LEU A 194 4.10 15.45 1.91
N TYR A 195 3.04 15.20 1.14
CA TYR A 195 3.09 14.19 0.09
C TYR A 195 4.24 14.45 -0.87
N GLU A 196 4.42 15.72 -1.27
CA GLU A 196 5.50 16.05 -2.19
C GLU A 196 6.85 15.68 -1.56
N THR A 197 7.06 16.09 -0.32
CA THR A 197 8.30 15.78 0.39
C THR A 197 8.55 14.27 0.44
N PHE A 198 7.51 13.50 0.77
CA PHE A 198 7.67 12.04 0.85
C PHE A 198 7.98 11.46 -0.53
N HIS A 199 7.19 11.81 -1.55
CA HIS A 199 7.45 11.26 -2.88
C HIS A 199 8.85 11.62 -3.37
N ALA A 200 9.34 12.80 -3.03
CA ALA A 200 10.66 13.20 -3.48
C ALA A 200 11.77 12.59 -2.66
N ASN A 201 11.48 12.09 -1.45
CA ASN A 201 12.51 11.61 -0.54
C ASN A 201 12.22 10.23 0.05
N PRO A 202 12.01 9.21 -0.78
CA PRO A 202 12.03 7.85 -0.23
C PRO A 202 13.39 7.58 0.40
N GLY A 203 13.38 6.99 1.58
CA GLY A 203 14.60 6.70 2.28
C GLY A 203 14.35 6.69 3.77
N THR A 204 15.45 6.84 4.52
CA THR A 204 15.46 6.64 5.97
C THR A 204 15.24 7.93 6.74
N VAL A 205 15.03 9.05 6.07
CA VAL A 205 14.64 10.27 6.75
C VAL A 205 13.12 10.37 6.85
N THR A 206 12.41 10.19 5.72
CA THR A 206 10.97 9.98 5.77
C THR A 206 10.62 8.63 6.40
N GLY A 207 11.54 7.67 6.36
CA GLY A 207 11.20 6.32 6.74
C GLY A 207 10.17 5.69 5.84
N SER A 208 10.13 6.11 4.57
CA SER A 208 9.06 5.72 3.65
C SER A 208 9.65 5.41 2.29
N ALA A 209 9.12 4.39 1.62
CA ALA A 209 9.53 4.09 0.27
C ALA A 209 8.46 4.45 -0.74
N VAL A 210 7.37 5.11 -0.31
CA VAL A 210 6.38 5.57 -1.26
C VAL A 210 7.04 6.52 -2.25
N GLY A 211 6.85 6.27 -3.54
CA GLY A 211 7.54 7.06 -4.54
C GLY A 211 8.86 6.51 -5.03
N CYS A 212 9.35 5.41 -4.46
CA CYS A 212 10.61 4.85 -4.91
C CYS A 212 10.46 4.07 -6.22
N ASN A 213 11.55 3.99 -6.96
CA ASN A 213 11.64 3.07 -8.09
C ASN A 213 12.62 1.97 -7.72
N PRO A 214 12.16 0.73 -7.54
CA PRO A 214 13.04 -0.31 -6.99
C PRO A 214 14.28 -0.59 -7.84
N ASP A 215 14.21 -0.36 -9.16
CA ASP A 215 15.36 -0.58 -10.03
C ASP A 215 16.58 0.25 -9.59
N THR A 216 16.36 1.46 -9.08
CA THR A 216 17.46 2.27 -8.57
C THR A 216 17.51 2.32 -7.05
N PHE A 217 16.37 2.24 -6.37
CA PHE A 217 16.33 2.32 -4.92
C PHE A 217 17.07 1.17 -4.26
N TRP A 218 17.05 -0.02 -4.88
CA TRP A 218 17.61 -1.19 -4.22
C TRP A 218 19.10 -1.02 -3.91
N SER A 219 19.83 -0.30 -4.77
CA SER A 219 21.27 -0.13 -4.56
C SER A 219 21.57 0.79 -3.38
N LYS A 220 20.64 1.70 -3.04
CA LYS A 220 20.80 2.54 -1.85
C LYS A 220 20.49 1.82 -0.55
N LEU A 221 19.64 0.80 -0.58
CA LEU A 221 19.11 0.26 0.67
C LEU A 221 20.15 -0.37 1.58
N PRO A 222 21.12 -1.16 1.10
CA PRO A 222 22.16 -1.67 2.03
C PRO A 222 22.99 -0.57 2.64
N ILE A 223 23.06 0.59 1.99
CA ILE A 223 23.78 1.74 2.56
C ILE A 223 22.88 2.49 3.54
N LEU A 224 21.58 2.57 3.25
CA LEU A 224 20.64 3.19 4.17
C LEU A 224 20.38 2.34 5.40
N LEU A 225 20.61 1.03 5.32
CA LEU A 225 20.25 0.11 6.40
C LEU A 225 21.49 -0.68 6.83
N PRO A 226 22.50 0.02 7.37
CA PRO A 226 23.71 -0.67 7.82
C PRO A 226 23.43 -1.50 9.06
N GLY A 227 24.27 -2.50 9.28
CA GLY A 227 24.16 -3.28 10.50
C GLY A 227 23.29 -4.51 10.34
N SER A 228 22.65 -4.95 11.43
CA SER A 228 21.81 -6.14 11.43
C SER A 228 20.40 -5.79 10.98
N LEU A 229 19.89 -6.51 9.99
CA LEU A 229 18.53 -6.31 9.50
C LEU A 229 17.50 -6.94 10.42
N PHE A 230 16.34 -6.31 10.51
CA PHE A 230 15.17 -7.04 10.98
C PHE A 230 13.97 -6.65 10.14
N ALA A 231 13.01 -7.57 10.08
CA ALA A 231 11.77 -7.44 9.33
C ALA A 231 10.84 -8.54 9.79
N PHE A 232 9.56 -8.32 9.57
CA PHE A 232 8.51 -9.27 9.89
C PHE A 232 7.31 -8.88 9.05
N ASP A 233 6.32 -9.76 9.01
CA ASP A 233 5.06 -9.47 8.34
C ASP A 233 3.97 -9.13 9.37
N TYR A 234 3.07 -8.25 8.97
CA TYR A 234 1.80 -8.03 9.67
C TYR A 234 0.71 -8.85 9.00
N SER A 235 -0.23 -9.35 9.80
CA SER A 235 -1.50 -9.86 9.30
C SER A 235 -2.54 -8.76 9.40
N GLY A 236 -3.10 -8.35 8.26
CA GLY A 236 -4.15 -7.36 8.25
C GLY A 236 -3.79 -6.09 9.00
N TYR A 237 -2.62 -5.53 8.68
CA TYR A 237 -2.12 -4.31 9.34
C TYR A 237 -3.16 -3.19 9.36
N ASP A 238 -3.61 -2.76 8.18
CA ASP A 238 -4.48 -1.60 8.07
C ASP A 238 -5.71 -1.74 8.98
N ALA A 239 -6.39 -2.88 8.91
CA ALA A 239 -7.62 -3.07 9.66
C ALA A 239 -7.36 -3.33 11.14
N SER A 240 -6.15 -3.77 11.51
CA SER A 240 -5.84 -4.02 12.91
C SER A 240 -5.45 -2.76 13.68
N LEU A 241 -5.26 -1.63 13.00
CA LEU A 241 -4.78 -0.44 13.70
C LEU A 241 -5.84 0.05 14.70
N SER A 242 -5.45 0.14 15.96
CA SER A 242 -6.28 0.72 17.00
C SER A 242 -6.26 2.24 16.92
N PRO A 243 -7.23 2.92 17.53
CA PRO A 243 -7.22 4.39 17.49
C PRO A 243 -5.97 5.01 18.09
N VAL A 244 -5.22 4.30 18.94
CA VAL A 244 -4.04 4.90 19.53
C VAL A 244 -3.06 5.35 18.45
N TRP A 245 -3.02 4.64 17.32
CA TRP A 245 -2.03 4.98 16.30
C TRP A 245 -2.43 6.26 15.57
N PHE A 246 -3.72 6.57 15.50
CA PHE A 246 -4.14 7.85 14.94
C PHE A 246 -3.90 9.00 15.92
N ARG A 247 -4.10 8.75 17.22
CA ARG A 247 -3.66 9.73 18.21
C ARG A 247 -2.16 9.96 18.10
N ALA A 248 -1.38 8.89 17.94
CA ALA A 248 0.07 9.06 17.80
C ALA A 248 0.42 9.86 16.56
N LEU A 249 -0.30 9.65 15.47
CA LEU A 249 -0.05 10.39 14.24
C LEU A 249 -0.33 11.88 14.42
N GLU A 250 -1.41 12.21 15.15
CA GLU A 250 -1.70 13.59 15.50
C GLU A 250 -0.52 14.22 16.25
N LEU A 251 0.09 13.46 17.17
CA LEU A 251 1.27 13.96 17.88
C LEU A 251 2.39 14.30 16.91
N VAL A 252 2.61 13.46 15.90
CA VAL A 252 3.67 13.72 14.93
C VAL A 252 3.36 14.99 14.14
N LEU A 253 2.13 15.08 13.60
CA LEU A 253 1.76 16.21 12.76
C LEU A 253 1.81 17.53 13.52
N ARG A 254 1.36 17.52 14.78
CA ARG A 254 1.45 18.72 15.61
C ARG A 254 2.90 19.14 15.81
N GLU A 255 3.77 18.20 16.15
CA GLU A 255 5.14 18.55 16.49
C GLU A 255 5.93 19.05 15.27
N ILE A 256 5.53 18.68 14.06
CA ILE A 256 6.27 19.18 12.90
C ILE A 256 5.61 20.45 12.38
N GLY A 257 4.62 20.96 13.11
CA GLY A 257 4.12 22.29 12.86
C GLY A 257 2.76 22.45 12.21
N TYR A 258 1.98 21.37 12.10
CA TYR A 258 0.68 21.51 11.47
C TYR A 258 -0.30 22.24 12.38
N SER A 259 -1.16 23.04 11.78
CA SER A 259 -2.24 23.72 12.49
C SER A 259 -3.17 22.71 13.14
N GLU A 260 -3.82 23.13 14.23
CA GLU A 260 -4.84 22.27 14.82
C GLU A 260 -5.96 21.98 13.83
N GLU A 261 -6.24 22.92 12.91
CA GLU A 261 -7.24 22.65 11.87
C GLU A 261 -6.80 21.49 10.98
N ALA A 262 -5.52 21.47 10.59
CA ALA A 262 -4.99 20.36 9.82
C ALA A 262 -4.97 19.07 10.64
N VAL A 263 -4.51 19.14 11.89
CA VAL A 263 -4.42 17.93 12.72
C VAL A 263 -5.80 17.32 12.92
N SER A 264 -6.84 18.15 12.95
CA SER A 264 -8.19 17.69 13.20
C SER A 264 -8.71 16.76 12.12
N LEU A 265 -8.04 16.67 10.96
CA LEU A 265 -8.49 15.75 9.92
C LEU A 265 -8.24 14.30 10.27
N VAL A 266 -7.37 14.03 11.25
CA VAL A 266 -6.97 12.65 11.52
C VAL A 266 -8.13 11.87 12.13
N GLU A 267 -8.93 12.51 13.00
CA GLU A 267 -10.07 11.80 13.57
C GLU A 267 -11.09 11.41 12.50
N GLY A 268 -11.16 12.17 11.40
CA GLY A 268 -11.98 11.75 10.28
C GLY A 268 -11.43 10.55 9.53
N ILE A 269 -10.20 10.14 9.81
CA ILE A 269 -9.64 8.89 9.28
C ILE A 269 -9.83 7.75 10.26
N ASN A 270 -9.61 8.03 11.54
CA ASN A 270 -9.83 7.05 12.59
C ASN A 270 -11.28 6.59 12.60
N HIS A 271 -12.20 7.51 12.41
CA HIS A 271 -13.63 7.23 12.49
C HIS A 271 -14.24 7.51 11.12
N THR A 272 -14.60 6.45 10.40
CA THR A 272 -15.09 6.55 9.03
C THR A 272 -16.35 5.74 8.85
N HIS A 273 -17.20 6.22 7.95
CA HIS A 273 -18.37 5.47 7.53
C HIS A 273 -18.17 4.97 6.12
N HIS A 274 -18.73 3.80 5.82
CA HIS A 274 -18.56 3.14 4.54
C HIS A 274 -19.91 2.65 4.06
N VAL A 275 -20.06 2.59 2.74
CA VAL A 275 -21.20 1.97 2.10
C VAL A 275 -20.68 0.79 1.28
N TYR A 276 -21.23 -0.40 1.54
CA TYR A 276 -21.01 -1.58 0.72
C TYR A 276 -22.37 -2.10 0.31
N ARG A 277 -22.63 -2.13 -1.00
CA ARG A 277 -23.93 -2.59 -1.52
C ARG A 277 -25.05 -1.68 -1.01
N ASN A 278 -25.96 -2.23 -0.20
CA ASN A 278 -27.12 -1.49 0.28
C ASN A 278 -27.07 -1.29 1.79
N LYS A 279 -25.88 -1.23 2.37
CA LYS A 279 -25.73 -1.04 3.80
C LYS A 279 -24.67 0.01 4.08
N THR A 280 -24.84 0.69 5.22
CA THR A 280 -23.86 1.64 5.75
C THR A 280 -23.24 1.03 7.00
N TYR A 281 -21.96 1.26 7.21
CA TYR A 281 -21.33 0.77 8.42
C TYR A 281 -20.27 1.74 8.90
N CYS A 282 -20.04 1.70 10.21
CA CYS A 282 -19.13 2.59 10.92
C CYS A 282 -17.91 1.79 11.36
N VAL A 283 -16.72 2.35 11.11
CA VAL A 283 -15.46 1.70 11.43
C VAL A 283 -14.68 2.65 12.33
N LEU A 284 -14.33 2.19 13.53
CA LEU A 284 -13.55 2.96 14.48
C LEU A 284 -12.18 2.31 14.57
N GLY A 285 -11.14 3.11 14.34
CA GLY A 285 -9.82 2.55 14.09
C GLY A 285 -9.80 2.02 12.68
N GLY A 286 -8.65 1.52 12.25
CA GLY A 286 -8.48 1.02 10.89
C GLY A 286 -8.21 2.11 9.86
N MET A 287 -7.19 1.88 9.00
CA MET A 287 -6.94 2.82 7.90
C MET A 287 -7.80 2.45 6.70
N PRO A 288 -8.58 3.37 6.14
CA PRO A 288 -9.28 3.06 4.88
C PRO A 288 -8.27 2.80 3.77
N SER A 289 -8.57 1.82 2.91
CA SER A 289 -7.60 1.37 1.92
C SER A 289 -7.51 2.27 0.70
N GLY A 290 -8.54 3.07 0.42
CA GLY A 290 -8.55 3.85 -0.81
C GLY A 290 -8.64 5.32 -0.53
N MET A 291 -8.05 5.74 0.58
CA MET A 291 -8.00 7.14 0.95
C MET A 291 -6.79 7.80 0.31
N SER A 292 -6.93 9.06 -0.04
CA SER A 292 -5.76 9.86 -0.38
C SER A 292 -4.77 9.87 0.79
N GLY A 293 -3.57 9.39 0.55
CA GLY A 293 -2.54 9.33 1.57
C GLY A 293 -2.50 8.04 2.38
N THR A 294 -3.29 7.04 2.00
CA THR A 294 -3.28 5.76 2.70
C THR A 294 -1.85 5.24 2.88
N SER A 295 -1.11 5.11 1.76
CA SER A 295 0.24 4.55 1.84
C SER A 295 1.15 5.38 2.74
N ILE A 296 1.09 6.71 2.61
CA ILE A 296 2.00 7.56 3.36
C ILE A 296 1.66 7.54 4.85
N PHE A 297 0.38 7.69 5.20
CA PHE A 297 0.02 7.65 6.61
C PHE A 297 0.24 6.27 7.20
N ASN A 298 -0.08 5.21 6.45
CA ASN A 298 0.30 3.87 6.89
C ASN A 298 1.80 3.78 7.16
N SER A 299 2.61 4.39 6.28
CA SER A 299 4.06 4.33 6.46
C SER A 299 4.49 5.13 7.68
N MET A 300 3.89 6.31 7.88
CA MET A 300 4.24 7.13 9.03
C MET A 300 3.87 6.43 10.33
N ILE A 301 2.68 5.83 10.38
CA ILE A 301 2.27 5.07 11.56
C ILE A 301 3.23 3.92 11.83
N ASN A 302 3.72 3.28 10.76
CA ASN A 302 4.66 2.18 10.95
C ASN A 302 5.95 2.67 11.58
N ASN A 303 6.39 3.87 11.22
CA ASN A 303 7.57 4.43 11.86
C ASN A 303 7.34 4.64 13.36
N ILE A 304 6.14 5.08 13.74
CA ILE A 304 5.84 5.18 15.18
C ILE A 304 5.83 3.80 15.83
N ILE A 305 5.18 2.83 15.16
CA ILE A 305 5.02 1.51 15.75
C ILE A 305 6.37 0.86 16.04
N ILE A 306 7.25 0.84 15.04
CA ILE A 306 8.53 0.14 15.20
C ILE A 306 9.33 0.77 16.34
N ARG A 307 9.37 2.10 16.38
CA ARG A 307 10.01 2.79 17.49
C ARG A 307 9.39 2.41 18.83
N ALA A 308 8.05 2.45 18.92
CA ALA A 308 7.40 2.13 20.18
C ALA A 308 7.68 0.69 20.60
N LEU A 309 7.56 -0.25 19.66
CA LEU A 309 7.85 -1.64 19.95
C LEU A 309 9.25 -1.80 20.50
N LEU A 310 10.24 -1.15 19.87
CA LEU A 310 11.62 -1.32 20.29
C LEU A 310 11.82 -0.90 21.76
N ILE A 311 11.34 0.29 22.13
CA ILE A 311 11.68 0.79 23.45
C ILE A 311 10.82 0.16 24.53
N LYS A 312 9.69 -0.45 24.16
CA LYS A 312 8.88 -1.17 25.14
C LYS A 312 9.41 -2.57 25.39
N THR A 313 9.90 -3.28 24.37
CA THR A 313 10.34 -4.64 24.63
C THR A 313 11.78 -4.73 25.14
N PHE A 314 12.67 -3.84 24.74
CA PHE A 314 14.09 -3.96 25.08
C PHE A 314 14.56 -2.79 25.92
N LYS A 315 15.44 -3.07 26.88
CA LYS A 315 16.06 -2.01 27.66
C LYS A 315 17.28 -1.49 26.91
N GLY A 316 17.47 -0.17 26.94
CA GLY A 316 18.69 0.41 26.41
C GLY A 316 18.70 0.63 24.91
N ILE A 317 17.53 0.68 24.27
CA ILE A 317 17.47 0.96 22.84
C ILE A 317 17.81 2.43 22.61
N ASP A 318 18.71 2.70 21.67
CA ASP A 318 18.96 4.05 21.21
C ASP A 318 18.26 4.22 19.85
N LEU A 319 17.13 4.93 19.84
CA LEU A 319 16.34 5.03 18.61
C LEU A 319 17.10 5.74 17.50
N ASP A 320 18.07 6.59 17.85
CA ASP A 320 18.88 7.28 16.85
C ASP A 320 19.72 6.30 16.03
N GLU A 321 19.87 5.07 16.48
CA GLU A 321 20.59 4.06 15.72
C GLU A 321 19.65 3.16 14.93
N LEU A 322 18.34 3.39 15.00
CA LEU A 322 17.41 2.68 14.14
C LEU A 322 17.41 3.29 12.75
N ASN A 323 17.46 2.44 11.71
CA ASN A 323 17.19 2.85 10.33
C ASN A 323 16.04 2.01 9.80
N MET A 324 15.07 2.64 9.14
CA MET A 324 13.97 1.84 8.60
C MET A 324 13.34 2.55 7.42
N VAL A 325 12.79 1.74 6.50
CA VAL A 325 11.92 2.21 5.44
C VAL A 325 10.64 1.39 5.46
N ALA A 326 9.51 2.05 5.33
CA ALA A 326 8.21 1.39 5.29
C ALA A 326 7.49 1.76 4.01
N TYR A 327 6.77 0.81 3.43
CA TYR A 327 5.80 1.13 2.38
C TYR A 327 4.48 0.58 2.91
N GLY A 328 3.67 1.45 3.47
CA GLY A 328 2.54 1.00 4.26
C GLY A 328 3.00 0.02 5.32
N ASP A 329 2.46 -1.20 5.30
CA ASP A 329 2.77 -2.17 6.34
C ASP A 329 4.07 -2.91 6.09
N ASP A 330 4.59 -2.86 4.87
CA ASP A 330 5.84 -3.52 4.54
C ASP A 330 7.00 -2.72 5.13
N VAL A 331 7.91 -3.40 5.81
CA VAL A 331 8.99 -2.71 6.54
C VAL A 331 10.28 -3.46 6.30
N LEU A 332 11.36 -2.70 6.16
CA LEU A 332 12.70 -3.25 6.29
C LEU A 332 13.47 -2.29 7.17
N ALA A 333 14.14 -2.82 8.18
CA ALA A 333 14.77 -1.99 9.19
C ALA A 333 16.12 -2.58 9.56
N SER A 334 16.94 -1.79 10.24
CA SER A 334 18.23 -2.27 10.72
C SER A 334 18.64 -1.53 11.99
N TYR A 335 19.63 -2.09 12.69
CA TYR A 335 20.03 -1.66 14.02
C TYR A 335 21.43 -2.24 14.28
N PRO A 336 22.29 -1.56 15.05
CA PRO A 336 23.67 -2.07 15.21
C PRO A 336 23.74 -3.47 15.79
N PHE A 337 22.73 -3.92 16.52
CA PHE A 337 22.74 -5.25 17.11
C PHE A 337 21.49 -5.98 16.66
N PRO A 338 21.53 -7.30 16.58
CA PRO A 338 20.35 -8.05 16.12
C PRO A 338 19.15 -7.79 17.02
N ILE A 339 17.98 -7.73 16.40
CA ILE A 339 16.72 -7.47 17.08
C ILE A 339 15.88 -8.74 17.03
N ASP A 340 15.45 -9.21 18.20
CA ASP A 340 14.62 -10.42 18.31
C ASP A 340 13.15 -10.06 18.03
N CYS A 341 12.66 -10.37 16.82
CA CYS A 341 11.27 -10.07 16.49
C CYS A 341 10.26 -10.98 17.15
N LEU A 342 10.69 -12.12 17.68
CA LEU A 342 9.77 -12.88 18.52
C LEU A 342 9.31 -12.03 19.70
N GLU A 343 10.22 -11.25 20.30
CA GLU A 343 9.85 -10.36 21.39
C GLU A 343 9.11 -9.13 20.90
N LEU A 344 9.55 -8.54 19.79
CA LEU A 344 8.77 -7.46 19.18
C LEU A 344 7.33 -7.88 18.96
N ALA A 345 7.13 -9.11 18.45
CA ALA A 345 5.78 -9.57 18.13
C ALA A 345 4.93 -9.73 19.39
N ARG A 346 5.53 -10.25 20.46
CA ARG A 346 4.84 -10.34 21.75
C ARG A 346 4.29 -8.97 22.18
N THR A 347 5.17 -7.95 22.20
CA THR A 347 4.73 -6.59 22.48
C THR A 347 3.67 -6.11 21.48
N GLY A 348 3.88 -6.38 20.19
CA GLY A 348 2.91 -5.93 19.20
C GLY A 348 1.51 -6.45 19.49
N LYS A 349 1.40 -7.68 19.97
CA LYS A 349 0.07 -8.23 20.24
C LYS A 349 -0.66 -7.43 21.32
N GLU A 350 0.08 -6.89 22.31
CA GLU A 350 -0.55 -5.99 23.28
C GLU A 350 -1.14 -4.77 22.62
N TYR A 351 -0.47 -4.26 21.58
CA TYR A 351 -0.98 -3.12 20.83
C TYR A 351 -2.05 -3.50 19.79
N GLY A 352 -2.45 -4.76 19.74
CA GLY A 352 -3.42 -5.20 18.75
C GLY A 352 -2.84 -5.47 17.37
N LEU A 353 -1.54 -5.73 17.27
CA LEU A 353 -0.87 -5.98 16.01
C LEU A 353 -0.43 -7.44 15.95
N THR A 354 -0.74 -8.11 14.84
CA THR A 354 -0.39 -9.51 14.66
C THR A 354 0.81 -9.58 13.71
N MET A 355 1.96 -9.99 14.24
CA MET A 355 3.23 -9.96 13.53
C MET A 355 3.79 -11.36 13.41
N THR A 356 4.13 -11.80 12.20
CA THR A 356 4.60 -13.14 11.90
C THR A 356 5.95 -13.07 11.21
N PRO A 357 6.68 -14.19 11.12
CA PRO A 357 8.05 -14.13 10.59
C PRO A 357 8.11 -13.73 9.12
N ALA A 358 9.21 -13.03 8.78
CA ALA A 358 9.42 -12.56 7.41
C ALA A 358 9.50 -13.70 6.42
N ASP A 359 10.15 -14.80 6.81
CA ASP A 359 10.39 -15.91 5.89
C ASP A 359 9.18 -16.82 5.73
N LYS A 360 8.03 -16.42 6.30
CA LYS A 360 6.75 -17.12 6.24
C LYS A 360 6.79 -18.49 6.90
N SER A 361 7.86 -18.82 7.62
CA SER A 361 7.92 -20.04 8.43
C SER A 361 7.21 -19.78 9.76
N PRO A 362 7.18 -20.76 10.67
CA PRO A 362 6.68 -20.47 12.03
C PRO A 362 7.69 -19.84 12.98
N CYS A 363 8.97 -19.78 12.61
CA CYS A 363 10.00 -19.24 13.49
C CYS A 363 10.55 -17.92 12.97
N PHE A 364 10.82 -17.00 13.90
CA PHE A 364 11.48 -15.74 13.59
C PHE A 364 12.95 -16.03 13.40
N ASN A 365 13.33 -16.30 12.17
CA ASN A 365 14.72 -16.59 11.86
C ASN A 365 15.45 -15.32 11.42
N GLU A 366 16.77 -15.43 11.35
CA GLU A 366 17.60 -14.31 10.96
C GLU A 366 17.19 -13.76 9.59
N VAL A 367 17.12 -12.44 9.51
CA VAL A 367 16.94 -11.71 8.26
C VAL A 367 18.30 -11.14 7.89
N ASN A 368 18.75 -11.42 6.66
CA ASN A 368 19.98 -10.87 6.14
C ASN A 368 19.74 -10.49 4.67
N TRP A 369 20.77 -9.96 4.02
CA TRP A 369 20.56 -9.48 2.65
C TRP A 369 20.30 -10.62 1.68
N ASP A 370 20.75 -11.84 2.00
CA ASP A 370 20.51 -12.96 1.09
C ASP A 370 19.06 -13.42 1.11
N ASN A 371 18.31 -13.20 2.20
CA ASN A 371 16.92 -13.63 2.26
C ASN A 371 15.92 -12.50 2.48
N ALA A 372 16.36 -11.26 2.60
CA ALA A 372 15.42 -10.17 2.86
C ALA A 372 14.58 -9.89 1.62
N THR A 373 13.35 -9.45 1.85
CA THR A 373 12.45 -9.06 0.79
C THR A 373 11.76 -7.76 1.19
N PHE A 374 11.48 -6.93 0.19
CA PHE A 374 10.80 -5.67 0.39
C PHE A 374 10.05 -5.41 -0.90
N LEU A 375 8.76 -5.07 -0.78
CA LEU A 375 7.95 -4.90 -1.99
C LEU A 375 7.98 -6.17 -2.83
N LYS A 376 8.02 -7.32 -2.14
CA LYS A 376 8.08 -8.67 -2.70
C LYS A 376 9.35 -8.98 -3.48
N ARG A 377 10.38 -8.13 -3.42
CA ARG A 377 11.61 -8.40 -4.15
C ARG A 377 12.76 -8.72 -3.20
N GLY A 378 13.59 -9.67 -3.60
CA GLY A 378 14.86 -9.91 -2.94
C GLY A 378 15.93 -8.94 -3.40
N PHE A 379 17.14 -9.16 -2.89
CA PHE A 379 18.29 -8.28 -3.11
C PHE A 379 19.44 -9.12 -3.63
N LEU A 380 19.87 -8.85 -4.85
CA LEU A 380 20.90 -9.66 -5.50
C LEU A 380 21.97 -8.75 -6.05
N PRO A 381 23.18 -8.75 -5.49
CA PRO A 381 24.25 -7.95 -6.08
C PRO A 381 24.52 -8.37 -7.52
N ASP A 382 24.75 -7.37 -8.38
CA ASP A 382 25.22 -7.60 -9.72
C ASP A 382 26.57 -8.34 -9.68
N GLU A 383 26.74 -9.31 -10.57
CA GLU A 383 27.97 -10.08 -10.54
C GLU A 383 29.18 -9.26 -10.99
N GLN A 384 28.96 -8.25 -11.83
CA GLN A 384 30.06 -7.43 -12.34
C GLN A 384 30.33 -6.22 -11.45
N PHE A 385 29.29 -5.54 -11.00
CA PHE A 385 29.42 -4.37 -10.13
C PHE A 385 28.65 -4.66 -8.84
N PRO A 386 29.31 -5.20 -7.82
CA PRO A 386 28.58 -5.73 -6.66
C PRO A 386 27.90 -4.66 -5.83
N PHE A 387 28.27 -3.39 -5.99
CA PHE A 387 27.57 -2.31 -5.31
C PHE A 387 26.20 -2.02 -5.95
N LEU A 388 25.92 -2.51 -7.15
CA LEU A 388 24.61 -2.33 -7.78
C LEU A 388 23.75 -3.53 -7.47
N ILE A 389 22.55 -3.29 -6.97
CA ILE A 389 21.73 -4.34 -6.38
C ILE A 389 20.49 -4.55 -7.26
N HIS A 390 20.30 -5.79 -7.70
CA HIS A 390 19.10 -6.16 -8.47
C HIS A 390 17.94 -6.41 -7.52
N PRO A 391 16.76 -5.84 -7.77
CA PRO A 391 15.53 -6.31 -7.09
C PRO A 391 14.99 -7.56 -7.79
N THR A 392 14.90 -8.66 -7.06
CA THR A 392 14.59 -9.94 -7.68
C THR A 392 13.15 -10.36 -7.34
N MET A 393 12.37 -10.52 -8.33
CA MET A 393 11.02 -11.01 -8.13
C MET A 393 11.00 -12.50 -8.40
N PRO A 394 10.49 -13.32 -7.48
CA PRO A 394 10.51 -14.77 -7.70
C PRO A 394 9.77 -15.12 -8.98
N MET A 395 10.33 -16.04 -9.75
CA MET A 395 9.68 -16.41 -11.00
C MET A 395 8.30 -17.00 -10.75
N LYS A 396 8.07 -17.56 -9.54
CA LYS A 396 6.78 -18.14 -9.22
C LYS A 396 5.67 -17.12 -9.34
N GLU A 397 5.90 -15.90 -8.85
CA GLU A 397 4.90 -14.84 -8.94
C GLU A 397 4.68 -14.40 -10.39
N ILE A 398 5.76 -14.30 -11.16
CA ILE A 398 5.62 -13.94 -12.56
C ILE A 398 4.87 -15.04 -13.32
N HIS A 399 5.15 -16.28 -12.97
CA HIS A 399 4.41 -17.40 -13.58
C HIS A 399 2.93 -17.32 -13.28
N GLU A 400 2.56 -16.97 -12.03
CA GLU A 400 1.14 -16.85 -11.71
C GLU A 400 0.48 -15.78 -12.55
N SER A 401 1.16 -14.64 -12.71
CA SER A 401 0.58 -13.52 -13.46
C SER A 401 0.33 -13.88 -14.91
N ILE A 402 1.32 -14.51 -15.57
CA ILE A 402 1.27 -14.61 -17.03
C ILE A 402 0.18 -15.58 -17.50
N ARG A 403 -0.29 -16.46 -16.62
CA ARG A 403 -1.30 -17.47 -16.94
C ARG A 403 -2.71 -16.89 -17.03
N TRP A 404 -2.91 -15.61 -16.77
CA TRP A 404 -4.24 -15.03 -16.82
C TRP A 404 -4.16 -13.70 -17.53
N THR A 405 -5.32 -13.23 -17.99
CA THR A 405 -5.42 -11.95 -18.66
C THR A 405 -6.81 -11.38 -18.43
N LYS A 406 -6.90 -10.05 -18.38
CA LYS A 406 -8.19 -9.39 -18.34
C LYS A 406 -8.67 -8.95 -19.71
N ASP A 407 -7.80 -9.05 -20.72
CA ASP A 407 -8.08 -8.72 -22.11
C ASP A 407 -6.86 -9.13 -22.92
N ALA A 408 -6.94 -10.26 -23.62
CA ALA A 408 -5.79 -10.73 -24.39
C ALA A 408 -5.35 -9.76 -25.49
N ARG A 409 -6.12 -8.70 -25.76
CA ARG A 409 -5.61 -7.65 -26.65
C ARG A 409 -4.31 -7.04 -26.13
N ASN A 410 -4.11 -7.06 -24.81
CA ASN A 410 -2.96 -6.42 -24.18
C ASN A 410 -1.85 -7.42 -23.83
N THR A 411 -1.86 -8.59 -24.46
CA THR A 411 -0.88 -9.64 -24.13
C THR A 411 0.54 -9.12 -24.23
N GLN A 412 0.82 -8.30 -25.25
CA GLN A 412 2.18 -7.84 -25.49
C GLN A 412 2.68 -6.97 -24.34
N ASP A 413 1.90 -5.97 -23.93
CA ASP A 413 2.28 -5.11 -22.80
C ASP A 413 2.45 -5.92 -21.53
N HIS A 414 1.52 -6.84 -21.28
CA HIS A 414 1.56 -7.69 -20.10
C HIS A 414 2.85 -8.50 -20.05
N VAL A 415 3.17 -9.20 -21.14
CA VAL A 415 4.38 -10.02 -21.19
C VAL A 415 5.62 -9.14 -21.08
N ARG A 416 5.63 -8.00 -21.76
CA ARG A 416 6.77 -7.09 -21.66
C ARG A 416 6.98 -6.65 -20.21
N SER A 417 5.90 -6.24 -19.53
CA SER A 417 6.02 -5.80 -18.14
C SER A 417 6.63 -6.89 -17.27
N LEU A 418 6.21 -8.13 -17.49
CA LEU A 418 6.73 -9.25 -16.71
C LEU A 418 8.21 -9.49 -16.99
N CYS A 419 8.63 -9.30 -18.26
CA CYS A 419 10.04 -9.45 -18.62
C CYS A 419 10.90 -8.41 -17.91
N LEU A 420 10.41 -7.18 -17.82
CA LEU A 420 11.13 -6.14 -17.09
C LEU A 420 11.31 -6.48 -15.62
N LEU A 421 10.43 -7.31 -15.05
CA LEU A 421 10.63 -7.76 -13.68
C LEU A 421 11.53 -8.98 -13.62
N ALA A 422 11.43 -9.85 -14.63
CA ALA A 422 12.05 -11.17 -14.57
C ALA A 422 13.56 -11.15 -14.80
N TRP A 423 14.06 -10.25 -15.65
CA TRP A 423 15.45 -10.35 -16.05
C TRP A 423 16.40 -10.14 -14.87
N HIS A 424 15.94 -9.51 -13.78
CA HIS A 424 16.83 -9.30 -12.63
C HIS A 424 17.25 -10.60 -11.98
N ASN A 425 16.52 -11.68 -12.24
CA ASN A 425 16.91 -12.99 -11.72
C ASN A 425 18.09 -13.59 -12.47
N GLY A 426 18.59 -12.96 -13.51
CA GLY A 426 19.79 -13.45 -14.17
C GLY A 426 19.49 -14.03 -15.54
N LYS A 427 20.56 -14.15 -16.33
CA LYS A 427 20.44 -14.53 -17.74
C LYS A 427 19.81 -15.90 -17.92
N GLN A 428 20.33 -16.90 -17.20
CA GLN A 428 19.82 -18.26 -17.35
C GLN A 428 18.33 -18.34 -17.03
N GLU A 429 17.89 -17.74 -15.92
CA GLU A 429 16.47 -17.83 -15.59
C GLU A 429 15.61 -17.05 -16.57
N TYR A 430 16.13 -15.94 -17.08
CA TYR A 430 15.39 -15.10 -18.01
C TYR A 430 15.19 -15.80 -19.33
N GLU A 431 16.27 -16.35 -19.89
CA GLU A 431 16.16 -17.02 -21.19
C GLU A 431 15.29 -18.26 -21.08
N LYS A 432 15.29 -18.94 -19.93
CA LYS A 432 14.35 -20.02 -19.69
C LYS A 432 12.91 -19.50 -19.74
N PHE A 433 12.68 -18.33 -19.14
CA PHE A 433 11.37 -17.68 -19.21
C PHE A 433 10.98 -17.37 -20.65
N VAL A 434 11.90 -16.81 -21.41
CA VAL A 434 11.61 -16.43 -22.79
C VAL A 434 11.38 -17.68 -23.65
N SER A 435 12.14 -18.75 -23.40
CA SER A 435 11.94 -19.98 -24.16
C SER A 435 10.54 -20.54 -23.96
N ALA A 436 10.09 -20.56 -22.71
CA ALA A 436 8.74 -21.04 -22.43
C ALA A 436 7.69 -20.16 -23.10
N ILE A 437 7.86 -18.84 -23.01
CA ILE A 437 6.93 -17.93 -23.67
C ILE A 437 6.84 -18.28 -25.16
N ARG A 438 7.99 -18.49 -25.78
CA ARG A 438 8.04 -18.72 -27.22
C ARG A 438 7.66 -20.16 -27.61
N SER A 439 7.29 -21.03 -26.66
CA SER A 439 6.90 -22.40 -26.97
C SER A 439 5.48 -22.52 -27.50
N VAL A 440 4.73 -21.42 -27.60
CA VAL A 440 3.38 -21.48 -28.16
C VAL A 440 3.25 -20.38 -29.20
N PRO A 441 2.30 -20.52 -30.15
CA PRO A 441 2.30 -19.61 -31.31
C PRO A 441 2.22 -18.15 -30.95
N VAL A 442 1.33 -17.75 -30.03
CA VAL A 442 1.25 -16.33 -29.68
C VAL A 442 2.59 -15.85 -29.13
N GLY A 443 3.31 -16.72 -28.41
CA GLY A 443 4.61 -16.29 -27.87
C GLY A 443 5.62 -15.93 -28.95
N LYS A 444 5.57 -16.63 -30.09
CA LYS A 444 6.46 -16.31 -31.21
C LYS A 444 6.06 -15.02 -31.89
N ALA A 445 4.89 -14.49 -31.58
CA ALA A 445 4.40 -13.28 -32.19
C ALA A 445 4.69 -12.04 -31.37
N LEU A 446 5.32 -12.19 -30.20
CA LEU A 446 5.54 -11.07 -29.29
C LEU A 446 6.96 -10.52 -29.40
N ALA A 447 7.08 -9.20 -29.26
CA ALA A 447 8.37 -8.54 -29.14
C ALA A 447 8.84 -8.61 -27.69
N ILE A 448 9.93 -9.35 -27.46
CA ILE A 448 10.39 -9.70 -26.13
C ILE A 448 11.74 -9.02 -25.90
N PRO A 449 11.92 -8.27 -24.81
CA PRO A 449 13.18 -7.57 -24.59
C PRO A 449 14.34 -8.54 -24.54
N ASN A 450 15.43 -8.14 -25.17
CA ASN A 450 16.67 -8.89 -25.08
C ASN A 450 17.39 -8.59 -23.76
N TYR A 451 17.90 -9.65 -23.12
CA TYR A 451 18.53 -9.54 -21.81
C TYR A 451 19.64 -8.49 -21.78
N GLU A 452 20.48 -8.46 -22.84
CA GLU A 452 21.64 -7.58 -22.83
C GLU A 452 21.23 -6.12 -22.90
N ASN A 453 20.20 -5.80 -23.67
CA ASN A 453 19.71 -4.43 -23.70
C ASN A 453 19.07 -4.04 -22.37
N LEU A 454 18.31 -4.96 -21.77
CA LEU A 454 17.74 -4.70 -20.45
C LEU A 454 18.86 -4.36 -19.46
N ARG A 455 19.87 -5.21 -19.37
CA ARG A 455 20.94 -4.98 -18.42
C ARG A 455 21.69 -3.69 -18.73
N ARG A 456 21.86 -3.37 -20.02
CA ARG A 456 22.57 -2.16 -20.37
C ARG A 456 21.73 -0.91 -20.08
N ASN A 457 20.43 -0.99 -20.30
CA ASN A 457 19.53 0.10 -19.92
C ASN A 457 19.59 0.33 -18.41
N TRP A 458 19.63 -0.74 -17.64
CA TRP A 458 19.65 -0.63 -16.19
C TRP A 458 20.94 0.03 -15.70
N LEU A 459 22.08 -0.48 -16.17
CA LEU A 459 23.39 0.09 -15.80
C LEU A 459 23.45 1.58 -16.11
N GLU A 460 22.81 2.02 -17.20
CA GLU A 460 22.86 3.44 -17.55
C GLU A 460 22.07 4.32 -16.59
N LEU A 461 21.14 3.74 -15.82
CA LEU A 461 20.42 4.51 -14.82
C LEU A 461 21.38 5.07 -13.77
N PHE A 462 22.49 4.38 -13.54
CA PHE A 462 23.50 4.82 -12.61
C PHE A 462 24.56 5.69 -13.30
N HIS A 463 24.41 5.90 -14.62
CA HIS A 463 25.09 6.90 -15.49
C HIS A 463 26.42 6.39 -16.06
S SO4 D . 14.85 6.31 -5.89
O1 SO4 D . 13.70 5.44 -5.76
O2 SO4 D . 15.16 6.94 -4.62
O3 SO4 D . 15.99 5.51 -6.29
O4 SO4 D . 14.56 7.35 -6.86
ZN ZN E . -19.49 6.27 13.10
#